data_3GGJ
#
_entry.id   3GGJ
#
_cell.length_a   111.189
_cell.length_b   72.754
_cell.length_c   51.387
_cell.angle_alpha   90.00
_cell.angle_beta   90.00
_cell.angle_gamma   90.00
#
_symmetry.space_group_name_H-M   'P 21 21 2'
#
loop_
_entity.id
_entity.type
_entity.pdbx_description
1 polymer 'Hypoxanthine-guanine phosphoribosyltransferase'
2 non-polymer '{2-[2-(2-amino-6-oxo-1,6-dihydro-9H-purin-9-yl)ethoxy]ethyl}phosphonic acid'
3 water water
#
_entity_poly.entity_id   1
_entity_poly.type   'polypeptide(L)'
_entity_poly.pdbx_seq_one_letter_code
;ATRSPGVVISDDEPGYDLDLFCIPNHYAEDLERVFIPHGLIMDRTERLARDVMKEMGGHHIVALCVLKGGYKFFADLLDY
IKALNRNSDRSIPMTVDFIRLKSYCNDQSTGDIKVIGGDDLSTLTGKNVLIVEDIIDTGKTMQTLLSLVRQYNPKMVKVA
SLLVKRTPRSVGYKPDFVGFEIPDKFVVGYALDYNEYFRDLNHVCVISETGKAKYKA
;
_entity_poly.pdbx_strand_id   A,B
#
loop_
_chem_comp.id
_chem_comp.type
_chem_comp.name
_chem_comp.formula
25H non-polymer '{2-[2-(2-amino-6-oxo-1,6-dihydro-9H-purin-9-yl)ethoxy]ethyl}phosphonic acid' 'C9 H14 N5 O5 P'
#
# COMPACT_ATOMS: atom_id res chain seq x y z
N SER A 4 21.26 0.18 1.65
CA SER A 4 19.93 -0.26 1.15
C SER A 4 19.41 0.70 0.10
N PRO A 5 18.96 0.15 -1.05
CA PRO A 5 18.44 0.92 -2.16
C PRO A 5 16.90 1.01 -2.16
N GLY A 6 16.28 0.87 -0.99
CA GLY A 6 14.83 0.98 -0.88
C GLY A 6 14.11 -0.26 -1.35
N VAL A 7 12.80 -0.12 -1.60
CA VAL A 7 12.02 -1.18 -2.21
C VAL A 7 12.42 -1.22 -3.68
N VAL A 8 13.15 -2.27 -4.06
CA VAL A 8 13.57 -2.44 -5.43
C VAL A 8 12.43 -3.04 -6.25
N ILE A 9 11.92 -2.28 -7.22
CA ILE A 9 10.96 -2.79 -8.21
C ILE A 9 11.75 -3.21 -9.45
N SER A 10 11.63 -4.49 -9.83
CA SER A 10 12.51 -5.10 -10.86
C SER A 10 12.25 -4.68 -12.31
N ASP A 11 13.25 -4.87 -13.16
CA ASP A 11 13.06 -4.82 -14.61
C ASP A 11 12.25 -6.02 -15.07
N ASP A 12 12.38 -7.12 -14.33
CA ASP A 12 11.77 -8.41 -14.67
C ASP A 12 10.27 -8.29 -14.97
N GLU A 13 9.43 -8.74 -14.04
CA GLU A 13 8.00 -8.48 -14.13
C GLU A 13 7.71 -7.12 -13.51
N PRO A 14 7.38 -6.12 -14.36
CA PRO A 14 7.22 -4.68 -14.06
C PRO A 14 6.50 -4.36 -12.75
N GLY A 15 5.19 -4.10 -12.82
CA GLY A 15 4.41 -3.79 -11.63
C GLY A 15 3.09 -4.55 -11.53
N TYR A 16 1.98 -3.82 -11.67
CA TYR A 16 0.63 -4.38 -11.52
C TYR A 16 -0.30 -4.07 -12.71
N ASP A 17 -1.05 -5.08 -13.13
CA ASP A 17 -2.08 -4.92 -14.14
C ASP A 17 -3.07 -3.85 -13.70
N LEU A 18 -3.53 -3.04 -14.65
CA LEU A 18 -4.38 -1.89 -14.37
C LEU A 18 -5.74 -2.21 -13.72
N ASP A 19 -6.36 -3.34 -14.09
CA ASP A 19 -7.70 -3.65 -13.58
C ASP A 19 -7.64 -4.16 -12.16
N LEU A 20 -6.43 -4.42 -11.66
CA LEU A 20 -6.31 -4.90 -10.28
C LEU A 20 -6.57 -3.79 -9.24
N PHE A 21 -6.24 -2.55 -9.58
CA PHE A 21 -6.46 -1.41 -8.66
C PHE A 21 -7.48 -0.38 -9.14
N CYS A 22 -7.88 0.53 -8.24
CA CYS A 22 -8.88 1.54 -8.58
C CYS A 22 -8.23 2.75 -9.24
N ILE A 23 -8.59 3.02 -10.49
CA ILE A 23 -8.03 4.17 -11.17
C ILE A 23 -9.11 4.99 -11.87
N PRO A 24 -8.96 6.33 -11.89
CA PRO A 24 -9.99 7.19 -12.50
C PRO A 24 -10.29 6.79 -13.94
N ASN A 25 -11.56 6.79 -14.33
CA ASN A 25 -11.95 6.41 -15.68
C ASN A 25 -11.24 7.23 -16.75
N HIS A 26 -11.00 8.52 -16.48
CA HIS A 26 -10.38 9.38 -17.51
C HIS A 26 -8.92 9.05 -17.84
N TYR A 27 -8.29 8.18 -17.05
CA TYR A 27 -6.91 7.75 -17.34
C TYR A 27 -6.86 6.30 -17.81
N ALA A 28 -8.03 5.67 -17.93
CA ALA A 28 -8.13 4.26 -18.37
C ALA A 28 -7.21 3.92 -19.53
N GLU A 29 -6.88 4.94 -20.32
CA GLU A 29 -6.19 4.78 -21.60
C GLU A 29 -4.77 5.35 -21.55
N ASP A 30 -4.48 6.09 -20.49
CA ASP A 30 -3.28 6.93 -20.46
C ASP A 30 -2.10 6.32 -19.69
N LEU A 31 -2.25 5.06 -19.28
CA LEU A 31 -1.21 4.38 -18.47
C LEU A 31 -0.87 3.00 -19.03
N GLU A 32 0.31 2.50 -18.69
CA GLU A 32 0.69 1.12 -19.02
C GLU A 32 0.46 0.19 -17.81
N ARG A 33 1.25 0.41 -16.76
CA ARG A 33 1.17 -0.39 -15.55
C ARG A 33 1.11 0.47 -14.31
N VAL A 34 0.62 -0.10 -13.23
CA VAL A 34 0.80 0.50 -11.92
C VAL A 34 2.10 -0.07 -11.34
N PHE A 35 3.01 0.80 -10.95
CA PHE A 35 4.20 0.36 -10.22
C PHE A 35 3.93 0.30 -8.74
N ILE A 36 3.33 1.36 -8.19
CA ILE A 36 3.23 1.54 -6.76
C ILE A 36 1.87 2.10 -6.33
N PRO A 37 0.95 1.21 -5.93
CA PRO A 37 -0.33 1.66 -5.37
C PRO A 37 -0.15 2.66 -4.24
N HIS A 38 -1.10 3.58 -4.08
CA HIS A 38 -1.00 4.63 -3.09
C HIS A 38 -0.67 4.08 -1.70
N GLY A 39 -1.40 3.07 -1.26
CA GLY A 39 -1.21 2.52 0.10
C GLY A 39 0.19 2.01 0.32
N LEU A 40 0.81 1.51 -0.75
CA LEU A 40 2.18 1.03 -0.68
C LEU A 40 3.11 2.21 -0.43
N ILE A 41 2.81 3.34 -1.08
CA ILE A 41 3.64 4.54 -0.92
C ILE A 41 3.55 5.01 0.53
N MET A 42 2.34 5.03 1.07
CA MET A 42 2.14 5.43 2.45
C MET A 42 2.95 4.56 3.43
N ASP A 43 2.85 3.23 3.29
CA ASP A 43 3.54 2.29 4.18
C ASP A 43 5.07 2.47 4.13
N ARG A 44 5.65 2.57 2.94
CA ARG A 44 7.07 2.84 2.83
C ARG A 44 7.45 4.18 3.46
N THR A 45 6.62 5.19 3.24
CA THR A 45 6.92 6.54 3.67
C THR A 45 6.93 6.60 5.18
N GLU A 46 6.04 5.81 5.79
CA GLU A 46 5.99 5.68 7.23
C GLU A 46 7.32 5.17 7.72
N ARG A 47 7.87 4.19 7.02
CA ARG A 47 9.14 3.62 7.43
C ARG A 47 10.29 4.62 7.25
N LEU A 48 10.33 5.29 6.10
CA LEU A 48 11.30 6.36 5.84
C LEU A 48 11.32 7.36 6.97
N ALA A 49 10.14 7.82 7.38
CA ALA A 49 10.05 8.78 8.48
C ALA A 49 10.69 8.23 9.74
N ARG A 50 10.50 6.95 10.02
CA ARG A 50 11.10 6.31 11.19
C ARG A 50 12.61 6.36 11.05
N ASP A 51 13.09 5.98 9.87
CA ASP A 51 14.51 6.02 9.56
C ASP A 51 15.11 7.41 9.71
N VAL A 52 14.34 8.42 9.31
CA VAL A 52 14.77 9.82 9.42
C VAL A 52 14.95 10.24 10.87
N MET A 53 14.03 9.84 11.74
CA MET A 53 14.12 10.20 13.15
C MET A 53 15.26 9.44 13.84
N LYS A 54 15.60 8.26 13.34
CA LYS A 54 16.67 7.53 13.95
C LYS A 54 17.97 8.31 13.81
N GLU A 55 18.26 8.81 12.63
CA GLU A 55 19.52 9.50 12.43
C GLU A 55 19.52 11.00 12.73
N MET A 56 18.35 11.62 12.78
CA MET A 56 18.29 13.06 12.96
C MET A 56 17.41 13.46 14.14
N GLY A 57 16.72 12.50 14.74
CA GLY A 57 15.80 12.76 15.85
C GLY A 57 16.39 13.56 16.99
N GLY A 58 15.52 14.21 17.77
CA GLY A 58 15.96 14.98 18.93
C GLY A 58 16.51 16.35 18.57
N HIS A 59 17.54 16.37 17.73
CA HIS A 59 18.07 17.63 17.15
C HIS A 59 16.94 18.37 16.42
N HIS A 60 17.18 19.65 16.12
CA HIS A 60 16.17 20.51 15.49
C HIS A 60 15.63 19.91 14.17
N ILE A 61 16.50 19.81 13.18
CA ILE A 61 16.14 19.50 11.77
C ILE A 61 15.33 20.60 11.04
N VAL A 62 15.82 20.94 9.86
CA VAL A 62 15.10 21.81 8.94
C VAL A 62 14.71 20.95 7.74
N ALA A 63 13.40 20.79 7.54
CA ALA A 63 12.89 19.98 6.46
C ALA A 63 12.70 20.85 5.24
N LEU A 64 13.55 20.64 4.24
CA LEU A 64 13.56 21.46 3.03
C LEU A 64 12.98 20.70 1.84
N CYS A 65 11.87 21.21 1.31
CA CYS A 65 11.20 20.56 0.21
C CYS A 65 11.67 21.12 -1.13
N VAL A 66 12.28 20.24 -1.93
CA VAL A 66 12.54 20.54 -3.34
C VAL A 66 11.22 20.56 -4.09
N LEU A 67 10.78 21.78 -4.40
CA LEU A 67 9.43 22.04 -4.88
C LEU A 67 9.42 22.35 -6.37
N LYS A 68 9.13 21.35 -7.19
CA LYS A 68 8.92 21.59 -8.61
C LYS A 68 7.45 21.88 -8.88
N GLY A 69 6.65 20.82 -8.97
CA GLY A 69 5.25 20.95 -9.38
C GLY A 69 4.25 20.77 -8.26
N GLY A 70 4.58 19.90 -7.32
CA GLY A 70 3.76 19.69 -6.13
C GLY A 70 4.64 19.20 -4.98
N TYR A 71 4.06 19.04 -3.81
CA TYR A 71 4.81 18.54 -2.66
C TYR A 71 4.04 17.47 -1.88
N LYS A 72 3.23 16.68 -2.58
CA LYS A 72 2.45 15.65 -1.94
C LYS A 72 3.34 14.74 -1.06
N PHE A 73 4.43 14.25 -1.61
CA PHE A 73 5.34 13.37 -0.87
C PHE A 73 5.88 14.00 0.41
N PHE A 74 6.31 15.26 0.30
CA PHE A 74 6.84 16.02 1.42
C PHE A 74 5.80 16.10 2.54
N ALA A 75 4.62 16.62 2.20
CA ALA A 75 3.45 16.67 3.08
C ALA A 75 3.24 15.33 3.77
N ASP A 76 3.35 14.24 3.02
CA ASP A 76 3.09 12.92 3.59
C ASP A 76 4.24 12.46 4.50
N LEU A 77 5.48 12.71 4.08
CA LEU A 77 6.62 12.33 4.93
C LEU A 77 6.50 13.09 6.23
N LEU A 78 6.13 14.37 6.13
CA LEU A 78 6.08 15.20 7.30
C LEU A 78 4.93 14.92 8.24
N ASP A 79 3.85 14.36 7.72
CA ASP A 79 2.77 13.93 8.61
C ASP A 79 3.19 12.74 9.48
N TYR A 80 3.89 11.77 8.88
CA TYR A 80 4.40 10.61 9.61
C TYR A 80 5.48 11.00 10.62
N ILE A 81 6.33 11.96 10.26
CA ILE A 81 7.39 12.44 11.15
C ILE A 81 6.76 13.14 12.36
N LYS A 82 5.84 14.06 12.09
CA LYS A 82 5.03 14.67 13.15
C LYS A 82 4.34 13.61 14.02
N ALA A 83 3.96 12.49 13.42
CA ALA A 83 3.28 11.42 14.17
C ALA A 83 4.24 10.75 15.15
N LEU A 84 5.51 10.65 14.75
CA LEU A 84 6.54 10.08 15.60
C LEU A 84 6.93 11.02 16.73
N ASN A 85 6.84 12.31 16.46
CA ASN A 85 7.24 13.32 17.44
C ASN A 85 6.18 13.56 18.51
N ARG A 86 4.96 13.11 18.25
CA ARG A 86 3.88 13.14 19.22
C ARG A 86 4.25 12.48 20.55
N ASN A 87 5.24 11.59 20.53
CA ASN A 87 5.62 10.82 21.74
C ASN A 87 6.76 11.37 22.59
N SER A 88 7.61 12.19 22.00
CA SER A 88 8.79 12.72 22.66
C SER A 88 8.46 13.46 23.96
N ASP A 89 9.28 13.23 24.99
CA ASP A 89 9.11 13.87 26.29
CA ASP A 89 9.10 13.86 26.29
C ASP A 89 9.16 15.38 26.18
N ARG A 90 10.12 15.87 25.39
CA ARG A 90 10.21 17.27 25.06
C ARG A 90 9.62 17.40 23.68
N SER A 91 8.88 18.49 23.43
CA SER A 91 8.44 18.77 22.09
C SER A 91 9.65 19.33 21.35
N ILE A 92 9.92 18.76 20.18
CA ILE A 92 11.08 19.13 19.39
C ILE A 92 10.64 20.03 18.25
N PRO A 93 11.11 21.30 18.23
CA PRO A 93 10.73 22.24 17.19
C PRO A 93 11.17 21.72 15.83
N MET A 94 10.29 21.81 14.85
CA MET A 94 10.59 21.35 13.50
C MET A 94 10.43 22.52 12.55
N THR A 95 11.51 22.86 11.85
CA THR A 95 11.45 23.93 10.86
C THR A 95 11.19 23.34 9.48
N VAL A 96 10.08 23.78 8.88
CA VAL A 96 9.68 23.35 7.55
C VAL A 96 9.96 24.47 6.53
N ASP A 97 10.78 24.18 5.53
CA ASP A 97 11.00 25.16 4.47
C ASP A 97 10.93 24.56 3.07
N PHE A 98 10.88 25.44 2.07
CA PHE A 98 10.75 25.05 0.67
C PHE A 98 11.81 25.74 -0.15
N ILE A 99 12.32 25.03 -1.16
CA ILE A 99 13.18 25.64 -2.17
C ILE A 99 12.58 25.39 -3.54
N ARG A 100 12.09 26.45 -4.16
CA ARG A 100 11.30 26.34 -5.38
C ARG A 100 12.17 26.41 -6.63
N LEU A 101 12.07 25.40 -7.50
CA LEU A 101 12.87 25.35 -8.72
C LEU A 101 12.00 25.43 -9.95
N LYS A 102 12.32 26.33 -10.86
CA LYS A 102 11.62 26.46 -12.15
C LYS A 102 12.34 25.65 -13.23
N SER A 103 11.59 25.05 -14.15
CA SER A 103 12.18 24.13 -15.15
C SER A 103 12.67 24.81 -16.43
N TYR A 104 13.85 24.39 -16.90
CA TYR A 104 14.52 25.02 -18.06
C TYR A 104 15.14 24.01 -19.05
N CYS A 105 15.43 24.50 -20.26
CA CYS A 105 15.94 23.67 -21.37
C CYS A 105 15.24 22.31 -21.43
N ASN A 106 13.96 22.31 -21.05
CA ASN A 106 13.20 21.08 -20.80
C ASN A 106 13.82 20.21 -19.73
N ASP A 107 14.71 19.30 -20.14
CA ASP A 107 15.32 18.34 -19.23
C ASP A 107 16.55 17.66 -19.84
N GLN A 108 17.23 18.35 -20.75
CA GLN A 108 18.46 17.82 -21.34
C GLN A 108 19.68 18.18 -20.49
N SER A 109 19.46 19.13 -19.56
CA SER A 109 20.50 19.59 -18.65
C SER A 109 19.85 20.02 -17.33
N THR A 110 19.49 19.02 -16.51
CA THR A 110 18.74 19.28 -15.29
C THR A 110 19.63 19.77 -14.16
N GLY A 111 20.95 19.62 -14.34
CA GLY A 111 21.95 20.03 -13.35
C GLY A 111 21.96 21.53 -13.14
N ASP A 112 21.46 22.24 -14.14
CA ASP A 112 21.32 23.68 -14.03
C ASP A 112 20.03 24.02 -13.28
N ILE A 113 20.16 24.36 -12.00
CA ILE A 113 19.03 24.79 -11.22
C ILE A 113 18.78 26.29 -11.41
N LYS A 114 17.51 26.69 -11.39
CA LYS A 114 17.11 28.10 -11.28
C LYS A 114 16.17 28.22 -10.08
N VAL A 115 16.74 28.53 -8.92
CA VAL A 115 15.97 28.65 -7.68
C VAL A 115 15.19 29.96 -7.66
N ILE A 116 13.92 29.88 -7.31
CA ILE A 116 13.09 31.06 -7.20
C ILE A 116 12.74 31.33 -5.74
N GLY A 117 12.12 30.35 -5.09
CA GLY A 117 11.76 30.45 -3.68
C GLY A 117 12.95 30.17 -2.78
N GLY A 118 13.85 31.15 -2.69
CA GLY A 118 15.09 30.99 -1.93
C GLY A 118 15.28 32.02 -0.83
N ASP A 119 14.26 32.16 0.01
CA ASP A 119 14.31 33.08 1.16
C ASP A 119 15.50 32.76 2.06
N ASP A 120 15.93 33.75 2.84
CA ASP A 120 17.05 33.59 3.79
C ASP A 120 17.65 32.17 3.78
N LEU A 121 18.42 31.86 2.75
CA LEU A 121 19.10 30.57 2.66
C LEU A 121 20.07 30.38 3.82
N SER A 122 20.46 31.48 4.45
CA SER A 122 21.43 31.47 5.57
C SER A 122 20.82 31.04 6.90
N THR A 123 19.59 30.57 6.87
CA THR A 123 19.00 29.94 8.04
C THR A 123 19.57 28.53 8.21
N LEU A 124 19.77 27.86 7.06
CA LEU A 124 20.36 26.51 6.97
C LEU A 124 21.68 26.35 7.74
N THR A 125 22.44 27.43 7.79
CA THR A 125 23.75 27.46 8.43
C THR A 125 23.71 26.92 9.86
N GLY A 126 24.67 26.05 10.18
CA GLY A 126 24.72 25.43 11.50
C GLY A 126 23.46 24.65 11.85
N LYS A 127 22.66 24.28 10.87
CA LYS A 127 21.45 23.51 11.16
C LYS A 127 21.40 22.16 10.44
N ASN A 128 20.65 21.22 11.01
CA ASN A 128 20.50 19.86 10.45
C ASN A 128 19.42 19.81 9.37
N VAL A 129 19.83 19.70 8.11
CA VAL A 129 18.90 19.83 6.98
C VAL A 129 18.52 18.48 6.41
N LEU A 130 17.21 18.19 6.36
CA LEU A 130 16.69 17.07 5.55
C LEU A 130 16.08 17.63 4.29
N ILE A 131 16.67 17.27 3.16
CA ILE A 131 16.21 17.71 1.85
C ILE A 131 15.30 16.64 1.24
N VAL A 132 14.09 17.03 0.90
CA VAL A 132 13.09 16.07 0.43
C VAL A 132 12.78 16.26 -1.05
N GLU A 133 12.87 15.16 -1.80
CA GLU A 133 12.66 15.11 -3.24
C GLU A 133 11.71 13.96 -3.58
N ASP A 134 11.01 14.06 -4.71
CA ASP A 134 10.03 13.05 -5.08
C ASP A 134 10.58 11.99 -6.03
N ILE A 135 11.34 12.43 -7.03
CA ILE A 135 12.01 11.51 -7.94
C ILE A 135 13.45 11.97 -8.21
N ILE A 136 14.36 11.02 -8.36
CA ILE A 136 15.72 11.31 -8.83
C ILE A 136 15.93 10.45 -10.06
N ASP A 137 16.41 11.08 -11.12
CA ASP A 137 16.60 10.40 -12.39
C ASP A 137 18.10 10.36 -12.71
N THR A 138 18.59 11.34 -13.47
CA THR A 138 20.01 11.41 -13.78
C THR A 138 20.83 11.78 -12.54
N GLY A 139 20.17 12.42 -11.56
CA GLY A 139 20.83 12.82 -10.32
C GLY A 139 21.47 14.19 -10.35
N LYS A 140 21.43 14.85 -11.51
CA LYS A 140 22.08 16.17 -11.71
C LYS A 140 21.43 17.35 -10.95
N THR A 141 20.11 17.35 -10.82
CA THR A 141 19.44 18.40 -10.07
C THR A 141 19.97 18.42 -8.66
N MET A 142 19.92 17.25 -8.02
CA MET A 142 20.25 17.13 -6.62
C MET A 142 21.70 17.45 -6.33
N GLN A 143 22.60 16.88 -7.13
CA GLN A 143 24.04 17.04 -6.92
C GLN A 143 24.44 18.50 -7.04
N THR A 144 23.75 19.25 -7.89
CA THR A 144 24.08 20.67 -7.98
C THR A 144 23.32 21.49 -6.92
N LEU A 145 22.21 20.95 -6.42
CA LEU A 145 21.48 21.57 -5.31
C LEU A 145 22.27 21.39 -4.02
N LEU A 146 22.88 20.22 -3.86
CA LEU A 146 23.79 19.94 -2.75
C LEU A 146 24.94 20.95 -2.67
N SER A 147 25.51 21.31 -3.82
CA SER A 147 26.60 22.28 -3.90
C SER A 147 26.18 23.66 -3.39
N LEU A 148 24.94 24.06 -3.68
CA LEU A 148 24.39 25.32 -3.24
C LEU A 148 24.17 25.32 -1.73
N VAL A 149 23.48 24.29 -1.25
CA VAL A 149 23.13 24.13 0.16
C VAL A 149 24.35 24.05 1.09
N ARG A 150 25.39 23.33 0.66
CA ARG A 150 26.61 23.17 1.46
C ARG A 150 27.42 24.45 1.61
N GLN A 151 27.29 25.37 0.66
CA GLN A 151 28.00 26.64 0.76
C GLN A 151 27.49 27.50 1.90
N TYR A 152 26.30 27.19 2.40
CA TYR A 152 25.77 27.87 3.57
C TYR A 152 26.11 27.10 4.83
N ASN A 153 27.03 26.16 4.69
CA ASN A 153 27.53 25.31 5.78
C ASN A 153 26.53 24.94 6.86
N PRO A 154 25.71 23.91 6.60
CA PRO A 154 24.84 23.33 7.62
C PRO A 154 25.68 22.46 8.53
N LYS A 155 25.08 21.96 9.60
CA LYS A 155 25.80 21.06 10.49
C LYS A 155 25.85 19.66 9.90
N MET A 156 24.90 19.37 9.02
CA MET A 156 24.81 18.07 8.36
C MET A 156 23.62 18.07 7.40
N VAL A 157 23.82 17.49 6.22
CA VAL A 157 22.78 17.38 5.21
C VAL A 157 22.46 15.92 4.88
N LYS A 158 21.19 15.54 4.99
CA LYS A 158 20.73 14.28 4.42
C LYS A 158 19.66 14.52 3.37
N VAL A 159 19.63 13.62 2.38
CA VAL A 159 18.62 13.70 1.34
C VAL A 159 17.70 12.49 1.35
N ALA A 160 16.42 12.74 1.08
CA ALA A 160 15.43 11.69 1.00
C ALA A 160 14.65 11.85 -0.29
N SER A 161 14.56 10.76 -1.05
CA SER A 161 13.80 10.72 -2.31
C SER A 161 12.81 9.55 -2.33
N LEU A 162 11.57 9.84 -2.69
CA LEU A 162 10.54 8.81 -2.81
C LEU A 162 11.02 7.76 -3.80
N LEU A 163 11.44 8.23 -4.98
CA LEU A 163 11.79 7.36 -6.10
C LEU A 163 13.16 7.66 -6.67
N VAL A 164 13.97 6.61 -6.81
CA VAL A 164 15.23 6.70 -7.51
C VAL A 164 15.15 5.78 -8.72
N LYS A 165 15.37 6.36 -9.89
CA LYS A 165 15.28 5.65 -11.15
C LYS A 165 16.60 4.98 -11.45
N ARG A 166 16.53 3.72 -11.84
CA ARG A 166 17.71 2.94 -12.15
C ARG A 166 18.06 3.12 -13.64
N THR A 167 18.91 4.10 -13.94
CA THR A 167 19.24 4.53 -15.30
C THR A 167 20.74 4.57 -15.56
N PRO A 168 21.18 4.12 -16.75
CA PRO A 168 22.56 4.38 -17.18
C PRO A 168 22.86 5.88 -17.26
N ARG A 169 21.81 6.69 -17.39
CA ARG A 169 21.96 8.14 -17.47
C ARG A 169 22.21 8.76 -16.09
N SER A 170 22.20 7.94 -15.06
CA SER A 170 22.53 8.38 -13.70
C SER A 170 24.00 8.77 -13.55
N VAL A 171 24.25 9.87 -12.85
CA VAL A 171 25.61 10.31 -12.56
C VAL A 171 26.13 9.76 -11.21
N GLY A 172 25.40 8.80 -10.65
CA GLY A 172 25.87 8.07 -9.48
C GLY A 172 25.43 8.60 -8.14
N TYR A 173 24.89 9.82 -8.08
CA TYR A 173 24.41 10.33 -6.79
C TYR A 173 23.32 9.46 -6.15
N LYS A 174 23.57 9.02 -4.92
CA LYS A 174 22.56 8.25 -4.18
C LYS A 174 22.05 9.02 -2.96
N PRO A 175 20.73 9.16 -2.85
CA PRO A 175 20.17 9.79 -1.67
C PRO A 175 20.47 8.94 -0.43
N ASP A 176 20.32 9.54 0.75
CA ASP A 176 20.49 8.84 2.01
C ASP A 176 19.27 7.97 2.34
N PHE A 177 18.12 8.36 1.81
CA PHE A 177 16.88 7.67 2.08
C PHE A 177 16.13 7.52 0.78
N VAL A 178 15.86 6.28 0.41
CA VAL A 178 15.17 5.98 -0.82
C VAL A 178 13.87 5.26 -0.48
N GLY A 179 12.78 5.79 -1.02
CA GLY A 179 11.50 5.13 -0.93
C GLY A 179 11.52 3.86 -1.76
N PHE A 180 11.69 4.02 -3.08
CA PHE A 180 11.64 2.90 -4.04
C PHE A 180 12.65 3.09 -5.14
N GLU A 181 13.33 2.02 -5.51
CA GLU A 181 14.20 2.04 -6.69
C GLU A 181 13.49 1.37 -7.86
N ILE A 182 13.27 2.14 -8.93
CA ILE A 182 12.34 1.78 -10.00
C ILE A 182 13.00 1.65 -11.37
N PRO A 183 12.35 0.92 -12.32
CA PRO A 183 12.86 0.74 -13.69
C PRO A 183 12.97 2.05 -14.47
N ASP A 184 13.77 2.04 -15.52
CA ASP A 184 13.99 3.23 -16.33
C ASP A 184 12.81 3.48 -17.29
N LYS A 185 11.67 3.88 -16.71
CA LYS A 185 10.45 4.21 -17.44
C LYS A 185 9.86 5.49 -16.86
N PHE A 186 9.12 6.24 -17.68
CA PHE A 186 8.58 7.53 -17.25
C PHE A 186 7.26 7.41 -16.47
N VAL A 187 7.30 7.75 -15.19
CA VAL A 187 6.15 7.56 -14.31
C VAL A 187 5.40 8.85 -13.93
N VAL A 188 4.13 8.68 -13.60
CA VAL A 188 3.26 9.75 -13.15
C VAL A 188 2.41 9.24 -11.99
N GLY A 189 1.76 10.16 -11.28
CA GLY A 189 0.83 9.80 -10.20
C GLY A 189 1.41 10.08 -8.82
N TYR A 190 0.56 9.96 -7.81
CA TYR A 190 0.89 10.36 -6.43
C TYR A 190 1.40 11.80 -6.38
N ALA A 191 2.69 11.99 -6.63
CA ALA A 191 3.26 13.33 -6.50
C ALA A 191 3.67 13.89 -7.85
N LEU A 192 3.86 13.02 -8.83
CA LEU A 192 4.34 13.42 -10.14
C LEU A 192 3.22 13.72 -11.13
N ASP A 193 3.09 15.00 -11.51
CA ASP A 193 2.13 15.44 -12.51
C ASP A 193 2.75 15.38 -13.91
N TYR A 194 1.92 15.47 -14.93
CA TYR A 194 2.39 15.55 -16.30
C TYR A 194 1.62 16.70 -16.95
N ASN A 195 2.32 17.82 -17.18
CA ASN A 195 1.72 19.03 -17.71
C ASN A 195 0.39 19.37 -17.02
N GLU A 196 0.42 19.32 -15.69
CA GLU A 196 -0.73 19.56 -14.81
C GLU A 196 -1.79 18.44 -14.76
N TYR A 197 -1.46 17.27 -15.32
CA TYR A 197 -2.38 16.10 -15.31
C TYR A 197 -1.88 14.99 -14.39
N PHE A 198 -2.78 14.07 -14.04
CA PHE A 198 -2.47 12.97 -13.11
C PHE A 198 -2.29 13.44 -11.66
N ARG A 199 -2.71 14.66 -11.38
CA ARG A 199 -2.67 15.19 -10.03
C ARG A 199 -3.62 14.35 -9.16
N ASP A 200 -4.74 13.95 -9.75
CA ASP A 200 -5.75 13.18 -9.03
C ASP A 200 -5.46 11.69 -9.07
N LEU A 201 -4.35 11.29 -9.70
CA LEU A 201 -3.95 9.88 -9.70
C LEU A 201 -3.11 9.52 -8.48
N ASN A 202 -3.65 8.61 -7.68
CA ASN A 202 -3.10 8.25 -6.38
C ASN A 202 -1.84 7.41 -6.43
N HIS A 203 -1.74 6.59 -7.48
CA HIS A 203 -0.70 5.60 -7.62
C HIS A 203 0.41 6.07 -8.57
N VAL A 204 1.60 5.50 -8.39
CA VAL A 204 2.67 5.67 -9.37
C VAL A 204 2.50 4.64 -10.50
N CYS A 205 2.15 5.15 -11.67
CA CYS A 205 1.92 4.36 -12.88
C CYS A 205 2.77 4.86 -14.04
N VAL A 206 3.20 3.95 -14.90
CA VAL A 206 3.90 4.31 -16.14
C VAL A 206 2.93 5.00 -17.10
N ILE A 207 3.33 6.14 -17.67
CA ILE A 207 2.52 6.89 -18.62
C ILE A 207 2.50 6.17 -19.96
N SER A 208 1.31 5.94 -20.50
CA SER A 208 1.20 5.33 -21.83
C SER A 208 1.49 6.36 -22.92
N GLU A 209 1.68 5.88 -24.14
CA GLU A 209 1.95 6.75 -25.30
C GLU A 209 0.72 7.53 -25.77
N THR A 210 -0.47 6.96 -25.64
CA THR A 210 -1.68 7.71 -25.99
C THR A 210 -1.95 8.80 -24.93
N GLY A 211 -1.51 8.55 -23.70
CA GLY A 211 -1.55 9.54 -22.62
C GLY A 211 -0.44 10.58 -22.73
N LYS A 212 0.75 10.12 -23.10
CA LYS A 212 1.89 11.01 -23.35
C LYS A 212 1.53 12.08 -24.39
N ALA A 213 0.70 11.68 -25.36
CA ALA A 213 0.31 12.57 -26.46
C ALA A 213 -0.93 13.43 -26.18
N LYS A 214 -1.94 12.83 -25.55
CA LYS A 214 -3.14 13.55 -25.15
C LYS A 214 -2.87 14.72 -24.19
N TYR A 215 -1.83 14.58 -23.36
CA TYR A 215 -1.58 15.55 -22.29
C TYR A 215 -0.35 16.45 -22.48
N LYS A 216 0.42 16.22 -23.54
CA LYS A 216 1.65 16.99 -23.80
C LYS A 216 1.41 18.50 -23.88
N ALA A 217 2.42 19.29 -23.52
CA ALA A 217 2.37 20.73 -23.70
C ALA A 217 2.51 21.02 -25.18
N ARG B 3 -10.36 -16.22 -13.98
CA ARG B 3 -11.41 -15.19 -14.08
C ARG B 3 -11.07 -14.03 -13.19
N SER B 4 -9.80 -13.70 -13.11
CA SER B 4 -9.29 -12.77 -12.09
C SER B 4 -8.74 -13.59 -10.94
N PRO B 5 -7.47 -13.99 -11.01
CA PRO B 5 -6.89 -14.72 -9.89
C PRO B 5 -6.43 -13.77 -8.78
N GLY B 6 -6.65 -12.49 -8.99
CA GLY B 6 -6.26 -11.42 -8.07
C GLY B 6 -4.81 -11.06 -8.23
N VAL B 7 -4.25 -10.36 -7.23
CA VAL B 7 -2.85 -9.98 -7.24
C VAL B 7 -2.00 -11.20 -6.90
N VAL B 8 -1.32 -11.72 -7.91
CA VAL B 8 -0.55 -12.94 -7.80
C VAL B 8 0.81 -12.64 -7.20
N ILE B 9 1.05 -13.14 -5.99
CA ILE B 9 2.39 -13.10 -5.40
C ILE B 9 3.02 -14.49 -5.59
N SER B 10 4.03 -14.57 -6.44
CA SER B 10 4.58 -15.86 -6.86
C SER B 10 5.44 -16.53 -5.79
N ASP B 11 5.72 -17.81 -5.99
CA ASP B 11 6.59 -18.59 -5.11
C ASP B 11 8.02 -18.06 -5.11
N ASP B 12 8.49 -17.67 -6.29
CA ASP B 12 9.85 -17.14 -6.45
C ASP B 12 10.05 -15.79 -5.75
N GLU B 13 10.98 -15.76 -4.81
CA GLU B 13 11.39 -14.54 -4.09
C GLU B 13 10.23 -13.70 -3.52
N PRO B 14 9.47 -14.26 -2.55
CA PRO B 14 8.20 -13.65 -2.19
C PRO B 14 8.28 -12.51 -1.16
N GLY B 15 7.50 -11.45 -1.40
CA GLY B 15 7.34 -10.37 -0.43
C GLY B 15 8.48 -9.38 -0.32
N TYR B 16 8.66 -8.83 0.87
CA TYR B 16 9.63 -7.76 1.11
C TYR B 16 10.46 -8.03 2.36
N ASP B 17 11.68 -7.52 2.35
CA ASP B 17 12.56 -7.60 3.52
CA ASP B 17 12.56 -7.60 3.52
C ASP B 17 11.95 -6.84 4.69
N LEU B 18 12.07 -7.40 5.90
CA LEU B 18 11.46 -6.82 7.10
C LEU B 18 11.79 -5.35 7.39
N ASP B 19 13.03 -4.95 7.12
CA ASP B 19 13.48 -3.60 7.50
C ASP B 19 13.00 -2.51 6.58
N LEU B 20 12.21 -2.86 5.55
CA LEU B 20 11.68 -1.87 4.62
C LEU B 20 10.36 -1.22 5.07
N PHE B 21 9.63 -1.89 5.97
CA PHE B 21 8.36 -1.35 6.47
C PHE B 21 8.38 -1.15 7.98
N CYS B 22 7.35 -0.49 8.51
CA CYS B 22 7.21 -0.25 9.94
C CYS B 22 6.47 -1.42 10.56
N ILE B 23 7.08 -2.03 11.56
CA ILE B 23 6.57 -3.24 12.16
C ILE B 23 6.71 -3.09 13.65
N PRO B 24 5.66 -3.46 14.40
CA PRO B 24 5.77 -3.34 15.85
C PRO B 24 7.06 -3.98 16.32
N ASN B 25 7.82 -3.27 17.15
CA ASN B 25 9.08 -3.78 17.67
C ASN B 25 8.94 -5.12 18.37
N HIS B 26 7.85 -5.35 19.09
CA HIS B 26 7.71 -6.63 19.81
C HIS B 26 7.51 -7.84 18.90
N TYR B 27 7.44 -7.60 17.58
CA TYR B 27 7.38 -8.67 16.57
C TYR B 27 8.67 -8.80 15.75
N ALA B 28 9.72 -8.09 16.18
CA ALA B 28 11.03 -8.10 15.49
C ALA B 28 11.62 -9.49 15.14
N GLU B 29 11.31 -10.51 15.93
CA GLU B 29 11.87 -11.84 15.69
C GLU B 29 10.81 -12.83 15.22
N ASP B 30 9.55 -12.40 15.20
CA ASP B 30 8.42 -13.32 15.04
C ASP B 30 7.93 -13.44 13.60
N LEU B 31 8.66 -12.82 12.67
CA LEU B 31 8.28 -12.79 11.27
C LEU B 31 9.47 -13.08 10.36
N GLU B 32 9.21 -13.62 9.17
CA GLU B 32 10.30 -13.96 8.22
C GLU B 32 10.48 -12.91 7.13
N ARG B 33 9.42 -12.64 6.38
CA ARG B 33 9.37 -11.58 5.37
C ARG B 33 8.03 -10.88 5.56
N VAL B 34 7.81 -9.77 4.85
CA VAL B 34 6.48 -9.17 4.78
C VAL B 34 5.95 -9.37 3.36
N PHE B 35 4.69 -9.75 3.25
CA PHE B 35 4.11 -10.15 1.96
C PHE B 35 3.24 -9.07 1.30
N ILE B 36 2.35 -8.49 2.08
CA ILE B 36 1.41 -7.51 1.59
C ILE B 36 1.28 -6.38 2.61
N PRO B 37 1.98 -5.25 2.39
CA PRO B 37 1.81 -4.12 3.29
C PRO B 37 0.33 -3.76 3.44
N HIS B 38 -0.04 -3.20 4.59
CA HIS B 38 -1.42 -2.79 4.86
C HIS B 38 -1.99 -1.93 3.74
N GLY B 39 -1.32 -0.82 3.43
CA GLY B 39 -1.75 0.11 2.40
C GLY B 39 -2.09 -0.58 1.10
N LEU B 40 -1.31 -1.61 0.77
CA LEU B 40 -1.51 -2.37 -0.45
C LEU B 40 -2.79 -3.20 -0.35
N ILE B 41 -3.07 -3.74 0.84
CA ILE B 41 -4.32 -4.46 1.09
C ILE B 41 -5.48 -3.50 0.86
N MET B 42 -5.34 -2.29 1.37
CA MET B 42 -6.40 -1.30 1.27
C MET B 42 -6.78 -1.01 -0.19
N ASP B 43 -5.78 -0.77 -1.03
CA ASP B 43 -5.96 -0.39 -2.42
C ASP B 43 -6.67 -1.52 -3.18
N ARG B 44 -6.17 -2.74 -3.04
CA ARG B 44 -6.81 -3.90 -3.65
C ARG B 44 -8.26 -4.09 -3.17
N THR B 45 -8.46 -3.93 -1.86
CA THR B 45 -9.80 -4.05 -1.27
C THR B 45 -10.75 -3.02 -1.91
N GLU B 46 -10.20 -1.87 -2.29
CA GLU B 46 -10.99 -0.83 -2.94
C GLU B 46 -11.46 -1.27 -4.32
N ARG B 47 -10.53 -1.70 -5.16
CA ARG B 47 -10.94 -2.21 -6.46
C ARG B 47 -11.93 -3.36 -6.25
N LEU B 48 -11.68 -4.19 -5.24
CA LEU B 48 -12.58 -5.31 -4.94
C LEU B 48 -14.03 -4.85 -4.71
N ALA B 49 -14.18 -3.77 -3.94
CA ALA B 49 -15.51 -3.26 -3.62
C ALA B 49 -16.20 -2.76 -4.89
N ARG B 50 -15.41 -2.19 -5.80
CA ARG B 50 -15.92 -1.76 -7.10
C ARG B 50 -16.44 -2.95 -7.91
N ASP B 51 -15.67 -4.03 -7.92
CA ASP B 51 -16.08 -5.26 -8.59
C ASP B 51 -17.34 -5.90 -8.01
N VAL B 52 -17.51 -5.80 -6.70
CA VAL B 52 -18.68 -6.39 -6.03
C VAL B 52 -19.95 -5.69 -6.49
N MET B 53 -19.90 -4.38 -6.61
CA MET B 53 -21.09 -3.64 -7.04
C MET B 53 -21.48 -3.93 -8.49
N LYS B 54 -20.50 -4.03 -9.39
CA LYS B 54 -20.77 -4.52 -10.75
C LYS B 54 -21.77 -5.67 -10.69
N GLU B 55 -21.34 -6.80 -10.13
CA GLU B 55 -22.19 -8.00 -10.04
C GLU B 55 -23.40 -7.77 -9.15
N MET B 56 -23.16 -7.64 -7.85
CA MET B 56 -24.22 -7.42 -6.87
C MET B 56 -24.97 -6.10 -7.12
N GLY B 57 -25.98 -5.84 -6.30
CA GLY B 57 -26.81 -4.65 -6.46
C GLY B 57 -28.03 -4.94 -7.32
N GLY B 58 -29.08 -5.47 -6.70
CA GLY B 58 -30.35 -5.73 -7.39
C GLY B 58 -31.33 -4.58 -7.14
N HIS B 60 -31.39 -5.62 -1.41
CA HIS B 60 -30.87 -6.55 -2.40
C HIS B 60 -29.63 -7.28 -1.87
N ILE B 61 -28.52 -6.56 -1.78
CA ILE B 61 -27.24 -7.09 -1.29
C ILE B 61 -27.28 -7.45 0.19
N VAL B 62 -26.86 -8.67 0.50
CA VAL B 62 -26.57 -9.03 1.88
C VAL B 62 -25.14 -9.50 2.01
N ALA B 63 -24.33 -8.71 2.70
CA ALA B 63 -22.95 -9.03 2.96
C ALA B 63 -22.88 -9.89 4.22
N LEU B 64 -22.28 -11.06 4.07
CA LEU B 64 -22.28 -12.02 5.16
C LEU B 64 -20.90 -12.18 5.77
N CYS B 65 -20.76 -11.70 6.99
CA CYS B 65 -19.52 -11.76 7.73
C CYS B 65 -19.39 -13.11 8.45
N VAL B 66 -18.17 -13.62 8.54
CA VAL B 66 -17.90 -14.87 9.27
C VAL B 66 -17.31 -14.54 10.64
N LEU B 67 -18.07 -14.83 11.68
CA LEU B 67 -17.83 -14.26 13.02
C LEU B 67 -16.74 -14.89 13.90
N LYS B 68 -16.51 -14.19 14.99
CA LYS B 68 -15.21 -14.04 15.61
C LYS B 68 -14.24 -13.54 14.54
N GLY B 69 -13.54 -14.44 13.86
CA GLY B 69 -12.39 -14.08 13.04
C GLY B 69 -12.42 -13.00 11.97
N GLY B 70 -13.36 -13.09 11.05
CA GLY B 70 -13.34 -12.27 9.84
C GLY B 70 -13.68 -10.79 9.88
N TYR B 71 -13.93 -10.23 11.07
CA TYR B 71 -14.43 -8.85 11.20
C TYR B 71 -13.60 -7.76 10.53
N LYS B 72 -12.28 -7.89 10.54
CA LYS B 72 -11.43 -6.82 10.05
C LYS B 72 -11.68 -6.57 8.57
N PHE B 73 -11.51 -7.61 7.75
CA PHE B 73 -11.60 -7.49 6.28
C PHE B 73 -13.01 -7.12 5.85
N PHE B 74 -13.98 -7.75 6.49
CA PHE B 74 -15.36 -7.42 6.26
C PHE B 74 -15.56 -5.91 6.43
N ALA B 75 -15.09 -5.39 7.57
CA ALA B 75 -15.29 -3.98 7.90
C ALA B 75 -14.67 -3.10 6.85
N ASP B 76 -13.48 -3.49 6.38
CA ASP B 76 -12.78 -2.66 5.43
C ASP B 76 -13.44 -2.72 4.08
N LEU B 77 -13.78 -3.95 3.65
CA LEU B 77 -14.49 -4.13 2.38
C LEU B 77 -15.81 -3.35 2.34
N LEU B 78 -16.55 -3.41 3.44
CA LEU B 78 -17.82 -2.73 3.55
C LEU B 78 -17.71 -1.22 3.60
N ASP B 79 -16.63 -0.73 4.22
CA ASP B 79 -16.36 0.71 4.29
C ASP B 79 -16.19 1.25 2.89
N TYR B 80 -15.47 0.51 2.04
CA TYR B 80 -15.26 0.92 0.65
C TYR B 80 -16.53 0.89 -0.19
N ILE B 81 -17.40 -0.09 0.09
CA ILE B 81 -18.67 -0.23 -0.60
C ILE B 81 -19.59 0.92 -0.21
N LYS B 82 -19.70 1.18 1.08
CA LYS B 82 -20.39 2.36 1.58
C LYS B 82 -19.89 3.59 0.85
N ALA B 83 -18.58 3.67 0.65
CA ALA B 83 -17.98 4.82 0.00
C ALA B 83 -18.48 4.94 -1.43
N LEU B 84 -18.62 3.80 -2.11
CA LEU B 84 -19.17 3.79 -3.45
C LEU B 84 -20.67 4.16 -3.47
N ASN B 85 -21.39 3.72 -2.45
CA ASN B 85 -22.84 3.91 -2.37
C ASN B 85 -23.32 5.35 -2.08
N ARG B 86 -22.40 6.21 -1.68
CA ARG B 86 -22.75 7.58 -1.33
C ARG B 86 -23.31 8.35 -2.51
N ASN B 87 -22.85 8.00 -3.72
CA ASN B 87 -23.20 8.76 -4.91
C ASN B 87 -24.42 8.28 -5.70
N SER B 88 -25.02 7.17 -5.29
CA SER B 88 -26.20 6.66 -5.96
C SER B 88 -27.32 7.68 -5.88
N ASP B 89 -28.19 7.71 -6.88
CA ASP B 89 -29.26 8.71 -6.93
C ASP B 89 -30.44 8.34 -6.04
N ARG B 90 -30.55 7.05 -5.73
CA ARG B 90 -31.50 6.56 -4.74
C ARG B 90 -30.68 5.83 -3.67
N SER B 91 -30.96 6.11 -2.40
CA SER B 91 -30.22 5.46 -1.33
C SER B 91 -30.49 3.97 -1.38
N ILE B 92 -29.43 3.18 -1.27
CA ILE B 92 -29.52 1.74 -1.51
C ILE B 92 -29.41 0.92 -0.23
N PRO B 93 -30.45 0.12 0.06
CA PRO B 93 -30.46 -0.67 1.27
C PRO B 93 -29.39 -1.74 1.23
N MET B 94 -28.73 -1.96 2.36
CA MET B 94 -27.69 -2.96 2.46
C MET B 94 -27.79 -3.63 3.81
N THR B 95 -27.75 -4.97 3.82
CA THR B 95 -27.88 -5.73 5.05
C THR B 95 -26.60 -6.52 5.36
N VAL B 96 -26.06 -6.28 6.54
CA VAL B 96 -24.94 -7.04 7.07
C VAL B 96 -25.52 -8.28 7.77
N ASP B 97 -24.92 -9.45 7.54
CA ASP B 97 -25.28 -10.66 8.27
C ASP B 97 -24.11 -11.28 8.99
N PHE B 98 -24.39 -12.27 9.83
CA PHE B 98 -23.33 -12.92 10.63
C PHE B 98 -23.54 -14.40 10.89
N ILE B 99 -22.57 -15.21 10.47
CA ILE B 99 -22.38 -16.57 11.01
C ILE B 99 -21.11 -16.67 11.82
N ARG B 100 -21.20 -17.32 12.98
CA ARG B 100 -20.01 -17.70 13.72
C ARG B 100 -19.55 -19.01 13.17
N LEU B 101 -18.25 -19.23 13.15
CA LEU B 101 -17.68 -20.46 12.61
C LEU B 101 -16.30 -20.70 13.22
N LYS B 102 -16.12 -21.87 13.81
CA LYS B 102 -14.83 -22.27 14.38
C LYS B 102 -14.33 -23.60 13.81
N SER B 103 -13.02 -23.73 13.63
CA SER B 103 -12.42 -24.98 13.14
C SER B 103 -11.53 -25.64 14.20
N TYR B 104 -11.45 -26.96 14.17
CA TYR B 104 -10.53 -27.66 15.06
C TYR B 104 -9.63 -28.63 14.33
N CYS B 105 -8.34 -28.57 14.66
CA CYS B 105 -7.37 -29.54 14.22
C CYS B 105 -7.96 -30.95 14.39
N ASN B 106 -7.88 -31.74 13.34
CA ASN B 106 -8.42 -33.11 13.31
C ASN B 106 -7.56 -34.12 14.06
N GLN B 108 -6.16 -37.50 14.34
CA GLN B 108 -6.71 -38.72 13.73
C GLN B 108 -7.35 -38.47 12.35
N SER B 109 -7.58 -39.54 11.60
CA SER B 109 -8.30 -39.48 10.32
C SER B 109 -7.93 -38.26 9.44
N GLY B 111 -10.41 -36.30 8.73
CA GLY B 111 -11.79 -35.79 8.78
C GLY B 111 -11.85 -34.40 9.38
N ASP B 112 -12.62 -33.51 8.75
CA ASP B 112 -12.68 -32.10 9.15
C ASP B 112 -13.74 -31.80 10.22
N ILE B 113 -13.42 -30.82 11.07
CA ILE B 113 -14.34 -30.35 12.11
C ILE B 113 -14.73 -28.89 11.90
N LYS B 114 -16.03 -28.65 11.72
CA LYS B 114 -16.60 -27.31 11.66
C LYS B 114 -17.68 -27.19 12.72
N VAL B 115 -17.64 -26.11 13.50
CA VAL B 115 -18.70 -25.81 14.46
C VAL B 115 -19.37 -24.49 14.03
N ILE B 116 -20.60 -24.56 13.56
CA ILE B 116 -21.27 -23.38 13.03
C ILE B 116 -21.91 -22.49 14.11
N GLY B 118 -23.19 -19.95 13.99
CA GLY B 118 -23.90 -19.38 12.81
C GLY B 118 -25.25 -18.80 13.23
N ASP B 119 -26.29 -19.61 13.02
CA ASP B 119 -27.65 -19.31 13.53
C ASP B 119 -28.33 -18.06 12.95
N ASP B 120 -29.66 -18.11 12.95
CA ASP B 120 -30.53 -17.02 12.46
C ASP B 120 -30.14 -16.42 11.11
N LEU B 121 -30.47 -17.15 10.05
CA LEU B 121 -30.22 -16.68 8.69
C LEU B 121 -31.53 -16.69 7.92
N SER B 122 -32.54 -16.06 8.49
CA SER B 122 -33.82 -15.88 7.81
C SER B 122 -33.66 -14.84 6.70
N THR B 123 -32.82 -13.84 6.95
CA THR B 123 -32.60 -12.73 6.04
C THR B 123 -31.72 -13.10 4.85
N LEU B 124 -32.08 -14.16 4.15
CA LEU B 124 -31.30 -14.60 2.99
C LEU B 124 -32.20 -14.97 1.83
N THR B 125 -33.42 -15.38 2.15
CA THR B 125 -34.39 -15.79 1.14
C THR B 125 -34.44 -14.81 -0.04
N GLY B 126 -34.10 -15.31 -1.22
CA GLY B 126 -34.21 -14.53 -2.45
C GLY B 126 -33.36 -13.27 -2.50
N LYS B 127 -32.32 -13.19 -1.68
CA LYS B 127 -31.45 -12.02 -1.66
C LYS B 127 -30.09 -12.31 -2.32
N ASN B 128 -29.36 -11.25 -2.66
CA ASN B 128 -27.99 -11.39 -3.20
C ASN B 128 -27.00 -11.45 -2.07
N VAL B 129 -26.43 -12.63 -1.85
CA VAL B 129 -25.55 -12.85 -0.72
C VAL B 129 -24.08 -12.92 -1.11
N LEU B 130 -23.28 -12.13 -0.40
CA LEU B 130 -21.83 -12.16 -0.54
C LEU B 130 -21.23 -12.83 0.68
N ILE B 131 -20.44 -13.87 0.45
CA ILE B 131 -19.67 -14.50 1.51
C ILE B 131 -18.31 -13.81 1.61
N VAL B 132 -18.00 -13.27 2.79
CA VAL B 132 -16.67 -12.71 3.03
C VAL B 132 -15.79 -13.62 3.88
N GLU B 133 -14.64 -13.99 3.32
CA GLU B 133 -13.65 -14.80 4.04
C GLU B 133 -12.31 -14.10 4.06
N ASP B 134 -11.41 -14.61 4.88
CA ASP B 134 -10.11 -14.00 5.08
C ASP B 134 -9.05 -14.63 4.20
N ILE B 135 -9.02 -15.96 4.19
CA ILE B 135 -7.99 -16.70 3.48
C ILE B 135 -8.59 -18.03 2.99
N ILE B 136 -8.17 -18.50 1.82
CA ILE B 136 -8.59 -19.83 1.35
C ILE B 136 -7.39 -20.76 1.18
N ASP B 137 -7.41 -21.86 1.92
CA ASP B 137 -6.35 -22.84 1.90
C ASP B 137 -6.91 -24.16 1.38
N THR B 138 -7.52 -24.95 2.28
CA THR B 138 -8.15 -26.22 1.88
C THR B 138 -9.47 -26.02 1.13
N GLY B 139 -10.14 -24.89 1.39
CA GLY B 139 -11.43 -24.57 0.78
C GLY B 139 -12.64 -25.14 1.51
N LYS B 140 -12.41 -25.70 2.71
CA LYS B 140 -13.48 -26.29 3.49
C LYS B 140 -14.41 -25.26 4.10
N THR B 141 -13.83 -24.17 4.61
CA THR B 141 -14.64 -23.10 5.17
C THR B 141 -15.60 -22.58 4.10
N MET B 142 -15.06 -22.29 2.92
CA MET B 142 -15.83 -21.79 1.77
C MET B 142 -16.93 -22.76 1.36
N GLN B 143 -16.57 -24.04 1.29
CA GLN B 143 -17.50 -25.08 0.91
C GLN B 143 -18.63 -25.24 1.93
N THR B 144 -18.28 -25.06 3.21
CA THR B 144 -19.25 -25.12 4.30
C THR B 144 -20.19 -23.92 4.27
N LEU B 145 -19.64 -22.73 4.19
CA LEU B 145 -20.44 -21.51 4.06
C LEU B 145 -21.39 -21.60 2.87
N LEU B 146 -20.88 -22.15 1.75
CA LEU B 146 -21.68 -22.40 0.55
C LEU B 146 -22.95 -23.22 0.80
N SER B 147 -22.82 -24.54 0.98
CA SER B 147 -24.01 -25.38 1.15
C SER B 147 -24.95 -24.91 2.26
N LEU B 148 -24.43 -24.06 3.16
CA LEU B 148 -25.19 -23.50 4.27
C LEU B 148 -26.16 -22.42 3.82
N VAL B 149 -25.68 -21.50 2.99
CA VAL B 149 -26.51 -20.44 2.46
C VAL B 149 -27.42 -20.98 1.37
N ARG B 150 -26.94 -21.97 0.61
CA ARG B 150 -27.74 -22.66 -0.40
C ARG B 150 -29.03 -23.24 0.20
N GLN B 151 -28.97 -23.53 1.49
CA GLN B 151 -30.08 -24.07 2.24
C GLN B 151 -31.23 -23.07 2.42
N TYR B 152 -30.92 -21.77 2.35
CA TYR B 152 -31.91 -20.73 2.61
C TYR B 152 -32.45 -20.02 1.38
N ASN B 153 -32.33 -20.68 0.22
CA ASN B 153 -32.93 -20.23 -1.04
C ASN B 153 -32.65 -18.76 -1.44
N PRO B 154 -31.36 -18.38 -1.49
CA PRO B 154 -31.02 -17.03 -1.93
C PRO B 154 -31.15 -16.87 -3.44
N LYS B 155 -31.15 -15.62 -3.91
CA LYS B 155 -31.21 -15.34 -5.34
C LYS B 155 -29.83 -15.52 -5.98
N MET B 156 -28.80 -15.03 -5.29
CA MET B 156 -27.43 -15.04 -5.80
C MET B 156 -26.42 -15.37 -4.70
N VAL B 157 -25.30 -15.95 -5.08
CA VAL B 157 -24.21 -16.21 -4.13
C VAL B 157 -22.82 -16.05 -4.76
N LYS B 158 -22.03 -15.14 -4.19
CA LYS B 158 -20.63 -15.00 -4.57
C LYS B 158 -19.73 -15.18 -3.35
N VAL B 159 -18.46 -15.49 -3.59
CA VAL B 159 -17.46 -15.49 -2.53
C VAL B 159 -16.42 -14.40 -2.79
N ALA B 160 -16.12 -13.62 -1.76
CA ALA B 160 -14.95 -12.76 -1.77
C ALA B 160 -14.02 -13.22 -0.68
N SER B 161 -12.73 -13.27 -0.98
CA SER B 161 -11.73 -13.68 -0.01
C SER B 161 -10.46 -12.85 -0.25
N LEU B 162 -9.92 -12.24 0.81
CA LEU B 162 -8.71 -11.42 0.68
C LEU B 162 -7.56 -12.22 0.11
N LEU B 163 -7.52 -13.49 0.51
CA LEU B 163 -6.37 -14.35 0.29
C LEU B 163 -6.77 -15.72 -0.27
N VAL B 164 -6.05 -16.13 -1.29
CA VAL B 164 -6.09 -17.50 -1.77
C VAL B 164 -4.66 -18.02 -1.70
N LYS B 165 -4.46 -19.09 -0.96
CA LYS B 165 -3.17 -19.75 -0.89
C LYS B 165 -3.01 -20.67 -2.08
N ARG B 166 -1.77 -20.84 -2.52
CA ARG B 166 -1.49 -21.69 -3.67
C ARG B 166 -1.20 -23.11 -3.17
N THR B 167 -2.27 -23.87 -2.96
CA THR B 167 -2.21 -25.16 -2.25
C THR B 167 -3.03 -26.27 -2.94
N PRO B 168 -2.77 -27.54 -2.57
CA PRO B 168 -3.66 -28.66 -2.92
C PRO B 168 -5.09 -28.52 -2.34
N ARG B 169 -6.07 -28.52 -3.23
CA ARG B 169 -7.44 -28.55 -2.78
C ARG B 169 -8.32 -29.42 -3.64
N SER B 170 -9.49 -29.77 -3.11
CA SER B 170 -10.49 -30.57 -3.80
C SER B 170 -11.03 -29.93 -5.06
N VAL B 171 -10.60 -28.69 -5.32
CA VAL B 171 -11.21 -27.84 -6.33
C VAL B 171 -12.71 -28.07 -6.35
N GLY B 172 -13.46 -27.18 -5.71
CA GLY B 172 -14.90 -27.31 -5.63
C GLY B 172 -15.67 -26.12 -6.15
N TYR B 173 -15.22 -24.90 -5.85
CA TYR B 173 -16.05 -23.73 -6.09
C TYR B 173 -15.33 -22.38 -6.30
N LYS B 174 -14.07 -22.44 -6.68
CA LYS B 174 -13.26 -21.23 -6.98
C LYS B 174 -13.95 -19.89 -6.70
N PRO B 175 -13.34 -19.06 -5.85
CA PRO B 175 -13.94 -17.81 -5.39
C PRO B 175 -14.13 -16.79 -6.51
N ASP B 176 -15.11 -15.90 -6.36
CA ASP B 176 -15.39 -14.91 -7.38
C ASP B 176 -14.50 -13.67 -7.29
N PHE B 177 -14.23 -13.22 -6.07
CA PHE B 177 -13.36 -12.06 -5.85
C PHE B 177 -12.18 -12.45 -4.97
N VAL B 178 -10.97 -12.17 -5.44
CA VAL B 178 -9.76 -12.57 -4.73
C VAL B 178 -8.79 -11.39 -4.56
N GLY B 179 -8.53 -11.02 -3.32
CA GLY B 179 -7.57 -9.97 -3.09
C GLY B 179 -6.20 -10.36 -3.59
N PHE B 180 -5.61 -11.39 -2.96
CA PHE B 180 -4.22 -11.80 -3.22
C PHE B 180 -4.00 -13.29 -3.25
N GLU B 181 -3.24 -13.74 -4.24
CA GLU B 181 -2.87 -15.14 -4.37
C GLU B 181 -1.42 -15.33 -3.94
N ILE B 182 -1.25 -15.89 -2.75
CA ILE B 182 0.04 -15.92 -2.05
C ILE B 182 0.64 -17.34 -2.04
N PRO B 183 1.97 -17.44 -1.82
CA PRO B 183 2.59 -18.77 -1.76
C PRO B 183 2.11 -19.57 -0.56
N ASP B 184 2.46 -20.86 -0.53
CA ASP B 184 2.13 -21.78 0.56
C ASP B 184 3.02 -21.50 1.78
N LYS B 185 2.74 -20.40 2.47
CA LYS B 185 3.44 -20.03 3.69
C LYS B 185 2.39 -19.61 4.73
N PHE B 186 2.74 -19.71 6.00
CA PHE B 186 1.82 -19.37 7.07
C PHE B 186 1.91 -17.88 7.43
N VAL B 187 0.81 -17.17 7.19
CA VAL B 187 0.81 -15.73 7.27
C VAL B 187 -0.01 -15.22 8.44
N VAL B 188 0.41 -14.09 8.98
CA VAL B 188 -0.32 -13.44 10.08
C VAL B 188 -0.35 -11.95 9.88
N GLY B 189 -1.13 -11.26 10.71
CA GLY B 189 -1.27 -9.82 10.59
C GLY B 189 -2.54 -9.48 9.85
N TYR B 190 -2.82 -8.18 9.77
CA TYR B 190 -4.07 -7.66 9.21
C TYR B 190 -5.32 -8.40 9.74
N ALA B 191 -5.81 -9.40 9.02
CA ALA B 191 -7.02 -10.12 9.46
C ALA B 191 -6.71 -11.36 10.30
N LEU B 192 -5.47 -11.84 10.20
CA LEU B 192 -5.07 -13.14 10.73
C LEU B 192 -4.23 -13.04 11.99
N ASP B 193 -4.76 -13.52 13.10
CA ASP B 193 -4.00 -13.56 14.35
C ASP B 193 -3.29 -14.90 14.47
N TYR B 194 -2.57 -15.09 15.57
CA TYR B 194 -2.01 -16.38 15.92
C TYR B 194 -2.11 -16.53 17.43
N ASN B 195 -3.10 -17.31 17.87
CA ASN B 195 -3.50 -17.38 19.27
C ASN B 195 -3.53 -15.98 19.92
N GLU B 196 -4.32 -15.10 19.32
CA GLU B 196 -4.55 -13.72 19.79
C GLU B 196 -3.40 -12.71 19.60
N TYR B 197 -2.31 -13.12 18.94
CA TYR B 197 -1.20 -12.20 18.68
C TYR B 197 -1.23 -11.70 17.25
N PHE B 198 -0.46 -10.66 16.96
CA PHE B 198 -0.40 -10.05 15.61
C PHE B 198 -1.64 -9.23 15.19
N ARG B 199 -2.61 -9.04 16.08
CA ARG B 199 -3.79 -8.25 15.73
C ARG B 199 -3.39 -6.81 15.50
N ASP B 200 -2.36 -6.39 16.22
CA ASP B 200 -1.83 -5.04 16.11
C ASP B 200 -0.91 -4.91 14.91
N LEU B 201 -0.65 -6.03 14.22
CA LEU B 201 0.15 -6.04 12.98
C LEU B 201 -0.71 -5.79 11.74
N ASN B 202 -0.45 -4.71 11.03
CA ASN B 202 -1.29 -4.29 9.91
C ASN B 202 -1.04 -4.98 8.58
N HIS B 203 0.15 -5.56 8.43
CA HIS B 203 0.61 -6.11 7.17
C HIS B 203 0.48 -7.61 7.23
N VAL B 204 0.38 -8.27 6.08
CA VAL B 204 0.39 -9.73 6.07
C VAL B 204 1.83 -10.18 5.90
N CYS B 205 2.32 -10.94 6.88
CA CYS B 205 3.71 -11.38 6.97
C CYS B 205 3.77 -12.88 7.26
N VAL B 206 4.92 -13.51 6.98
CA VAL B 206 5.11 -14.92 7.27
C VAL B 206 5.56 -15.05 8.70
N ILE B 207 4.88 -15.88 9.49
CA ILE B 207 5.28 -16.05 10.85
C ILE B 207 6.59 -16.83 10.80
N SER B 208 7.51 -16.54 11.72
CA SER B 208 8.76 -17.28 11.79
C SER B 208 8.61 -18.40 12.82
N GLU B 209 9.70 -19.17 12.99
CA GLU B 209 9.75 -20.27 13.94
C GLU B 209 9.85 -19.75 15.35
N THR B 210 10.53 -18.62 15.52
CA THR B 210 10.63 -17.98 16.82
C THR B 210 9.23 -17.56 17.27
N GLY B 211 8.46 -16.97 16.35
CA GLY B 211 7.11 -16.50 16.65
C GLY B 211 6.12 -17.60 16.95
N LYS B 212 6.26 -18.72 16.24
CA LYS B 212 5.41 -19.89 16.47
C LYS B 212 5.60 -20.43 17.88
N ALA B 213 6.85 -20.57 18.29
CA ALA B 213 7.17 -21.13 19.60
C ALA B 213 6.89 -20.13 20.71
N LYS B 214 7.08 -18.85 20.42
CA LYS B 214 6.84 -17.81 21.43
C LYS B 214 5.35 -17.59 21.70
N TYR B 215 4.55 -17.51 20.64
CA TYR B 215 3.12 -17.25 20.80
C TYR B 215 2.32 -18.56 20.93
N LYS B 216 2.85 -19.41 21.80
CA LYS B 216 2.30 -20.73 22.15
C LYS B 216 0.91 -20.99 21.64
N ALA B 217 0.00 -21.25 22.57
CA ALA B 217 -1.38 -21.58 22.27
C ALA B 217 -2.07 -21.90 23.59
N1 25H C . 8.55 11.05 -14.24
C8 25H C . 12.73 12.63 -14.88
C6 25H C . 9.80 10.62 -14.55
N7 25H C . 12.16 11.39 -14.94
C5 25H C . 10.85 11.53 -14.65
C2 25H C . 8.33 12.38 -14.02
OAD 25H C . 17.18 13.90 -13.53
PAT 25H C . 17.28 14.52 -12.16
OAE 25H C . 18.02 15.84 -12.16
OAC 25H C . 17.74 13.54 -11.09
CAJ 25H C . 15.61 15.00 -11.66
CAH 25H C . 14.70 14.93 -12.86
OAN 25H C . 13.43 14.47 -12.44
CAG 25H C . 12.36 15.29 -12.95
CAI 25H C . 12.01 14.95 -14.42
N9 25H C . 11.78 13.53 -14.57
C4 25H C . 10.60 12.88 -14.42
N3 25H C . 9.34 13.28 -14.10
N2 25H C . 7.10 12.81 -13.70
O6 25H C . 10.04 9.34 -14.78
N1 25H D . -2.50 -17.96 8.34
C8 25H D . -4.73 -21.64 7.02
C6 25H D . -2.50 -18.87 7.32
N7 25H D . -3.70 -20.94 6.48
C5 25H D . -3.45 -19.90 7.33
C2 25H D . -3.40 -18.05 9.34
OAD 25H D . -8.54 -24.19 5.09
PAT 25H D . -9.66 -23.21 4.80
OAE 25H D . -10.99 -23.53 5.46
OAC 25H D . -9.82 -22.96 3.32
CAJ 25H D . -9.15 -21.63 5.50
CAH 25H D . -8.59 -21.85 6.91
OAN 25H D . -7.83 -20.72 7.35
CAG 25H D . -7.57 -20.74 8.76
CAI 25H D . -6.26 -21.48 9.02
N9 25H D . -5.16 -21.04 8.16
C4 25H D . -4.36 -19.97 8.37
N3 25H D . -4.33 -19.05 9.36
N2 25H D . -3.38 -17.14 10.34
O6 25H D . -1.59 -18.76 6.36
#